data_3O96
#
_entry.id   3O96
#
_cell.length_a   49.310
_cell.length_b   69.940
_cell.length_c   61.850
_cell.angle_alpha   90.00
_cell.angle_beta   100.60
_cell.angle_gamma   90.00
#
_symmetry.space_group_name_H-M   'P 1 21 1'
#
loop_
_entity.id
_entity.type
_entity.pdbx_description
1 polymer 'RAC-alpha serine/threonine-protein kinase'
2 non-polymer 1-(1-(4-(7-phenyl-1H-imidazo[4,5-g]quinoxalin-6-yl)benzyl)piperidin-4-yl)-1H-benzo[d]imidazol-2(3H)-one
3 water water
#
_entity_poly.entity_id   1
_entity_poly.type   'polypeptide(L)'
_entity_poly.pdbx_seq_one_letter_code
;GAMASDVAIVKEGWLHKRGEYIKTWRPRYFLLKNDGTFIGYKERPQDVDQREAPLNNFSVAQCQLMKTERPRPNTFIIRC
LQWTTVIERTFHVETPEEREEWTTAIQTVADGLKKQEEEEMDFRSGSPSDNSGAEEMEVSLAKPKHRVTMNEFEYLKLLG
KGTFGKVILVKEKATGRYYAMKILKKEVIVAKDEVAHTLTENRVLQNSRHPFLTALKYSFQTHDRLCFVMEYANGGELFF
HLSRERVFSEDRARFYGAEIVSALDYLHSEKNVVYRDLKLENLMLDKDGHIKITDFGLCKEGIKDGATMKTFCGTPEYLA
PEVLEDNDYGRAVDWWGLGVVMYEMMCGRLPFYNQDHEKLFELILMEEIRFPRTLGPEAKSLLSGLLKKDPKQRLGGGSE
DAKEIMQHRFFAGIVWQHVYEKKLSPPFKPQVTSETDTRYFDEEFT
;
_entity_poly.pdbx_strand_id   A
#
loop_
_chem_comp.id
_chem_comp.type
_chem_comp.name
_chem_comp.formula
IQO non-polymer 1-(1-(4-(7-phenyl-1H-imidazo[4,5-g]quinoxalin-6-yl)benzyl)piperidin-4-yl)-1H-benzo[d]imidazol-2(3H)-one 'C34 H29 N7 O'
#
# COMPACT_ATOMS: atom_id res chain seq x y z
N SER A 5 -18.61 -10.15 -19.63
CA SER A 5 -17.32 -10.68 -20.16
C SER A 5 -16.79 -11.81 -19.27
N ASP A 6 -16.44 -12.93 -19.90
CA ASP A 6 -15.85 -14.07 -19.20
C ASP A 6 -14.39 -14.29 -19.64
N VAL A 7 -13.64 -15.04 -18.83
CA VAL A 7 -12.22 -15.25 -19.09
C VAL A 7 -11.75 -16.64 -18.68
N ALA A 8 -10.70 -17.12 -19.35
CA ALA A 8 -10.16 -18.45 -19.09
C ALA A 8 -8.69 -18.38 -18.66
N ILE A 9 -8.13 -19.53 -18.29
CA ILE A 9 -6.74 -19.60 -17.85
C ILE A 9 -5.77 -19.68 -19.03
N VAL A 10 -4.97 -18.64 -19.19
CA VAL A 10 -3.95 -18.59 -20.24
C VAL A 10 -2.84 -19.59 -19.95
N LYS A 11 -2.55 -19.79 -18.66
CA LYS A 11 -1.49 -20.71 -18.26
C LYS A 11 -1.43 -20.81 -16.74
N GLU A 12 -1.03 -21.98 -16.24
CA GLU A 12 -0.95 -22.20 -14.81
C GLU A 12 0.02 -23.33 -14.46
N GLY A 13 0.36 -23.40 -13.18
CA GLY A 13 1.29 -24.41 -12.72
C GLY A 13 1.94 -23.98 -11.42
N TRP A 14 2.88 -24.77 -10.92
CA TRP A 14 3.64 -24.38 -9.75
C TRP A 14 4.76 -23.41 -10.11
N LEU A 15 5.02 -22.46 -9.20
CA LEU A 15 6.12 -21.52 -9.36
C LEU A 15 6.87 -21.32 -8.05
N HIS A 16 8.13 -20.97 -8.15
CA HIS A 16 8.92 -20.62 -6.98
C HIS A 16 9.00 -19.12 -6.80
N LYS A 17 8.21 -18.60 -5.87
CA LYS A 17 8.18 -17.18 -5.58
C LYS A 17 9.18 -16.89 -4.47
N ARG A 18 9.91 -15.78 -4.60
CA ARG A 18 10.96 -15.47 -3.64
C ARG A 18 10.48 -14.45 -2.61
N GLY A 19 10.65 -14.78 -1.33
CA GLY A 19 10.16 -13.92 -0.26
C GLY A 19 10.84 -12.57 -0.29
N GLU A 20 10.05 -11.52 -0.06
CA GLU A 20 10.57 -10.16 -0.10
C GLU A 20 11.18 -9.74 1.23
N TYR A 21 10.55 -10.12 2.33
CA TYR A 21 11.04 -9.75 3.65
C TYR A 21 11.63 -10.95 4.39
N ILE A 22 11.25 -12.15 3.94
CA ILE A 22 11.99 -13.36 4.28
C ILE A 22 12.36 -14.05 2.97
N LYS A 23 13.61 -13.87 2.52
CA LYS A 23 14.00 -14.26 1.17
C LYS A 23 14.29 -15.74 1.00
N THR A 24 13.42 -16.59 1.55
CA THR A 24 13.43 -18.00 1.23
C THR A 24 12.83 -18.19 -0.15
N TRP A 25 12.95 -19.40 -0.69
CA TRP A 25 12.26 -19.75 -1.92
C TRP A 25 10.98 -20.52 -1.59
N ARG A 26 9.89 -20.15 -2.23
CA ARG A 26 8.59 -20.74 -1.89
C ARG A 26 7.80 -21.22 -3.11
N PRO A 27 7.17 -22.39 -2.98
CA PRO A 27 6.29 -23.02 -3.95
C PRO A 27 4.89 -22.41 -3.95
N ARG A 28 4.49 -21.82 -5.07
CA ARG A 28 3.15 -21.27 -5.20
C ARG A 28 2.55 -21.65 -6.55
N TYR A 29 1.27 -22.01 -6.53
CA TYR A 29 0.57 -22.36 -7.76
C TYR A 29 -0.08 -21.15 -8.38
N PHE A 30 0.38 -20.78 -9.58
CA PHE A 30 -0.09 -19.57 -10.24
C PHE A 30 -1.05 -19.85 -11.39
N LEU A 31 -1.84 -18.83 -11.74
CA LEU A 31 -2.69 -18.88 -12.92
C LEU A 31 -2.90 -17.48 -13.51
N LEU A 32 -2.67 -17.36 -14.81
CA LEU A 32 -2.88 -16.10 -15.51
C LEU A 32 -4.15 -16.12 -16.34
N LYS A 33 -5.06 -15.19 -16.08
CA LYS A 33 -6.26 -15.04 -16.88
C LYS A 33 -6.17 -13.81 -17.77
N ASN A 34 -7.02 -13.77 -18.81
CA ASN A 34 -6.97 -12.69 -19.78
C ASN A 34 -7.80 -11.48 -19.36
N ASP A 35 -8.00 -11.33 -18.06
CA ASP A 35 -8.42 -10.04 -17.51
C ASP A 35 -7.18 -9.28 -17.05
N GLY A 36 -6.05 -9.98 -17.03
CA GLY A 36 -4.82 -9.41 -16.53
C GLY A 36 -4.39 -10.08 -15.25
N THR A 37 -5.33 -10.79 -14.63
CA THR A 37 -5.08 -11.45 -13.35
C THR A 37 -3.91 -12.43 -13.40
N PHE A 38 -2.92 -12.16 -12.57
CA PHE A 38 -1.86 -13.11 -12.28
C PHE A 38 -1.81 -13.28 -10.76
N ILE A 39 -2.24 -14.45 -10.28
CA ILE A 39 -2.38 -14.68 -8.85
C ILE A 39 -1.74 -16.01 -8.44
N GLY A 40 -1.00 -15.99 -7.34
CA GLY A 40 -0.43 -17.21 -6.81
C GLY A 40 -1.11 -17.66 -5.54
N TYR A 41 -1.26 -18.97 -5.36
CA TYR A 41 -2.01 -19.51 -4.24
C TYR A 41 -1.20 -20.47 -3.38
N LYS A 42 -1.66 -20.72 -2.17
CA LYS A 42 -0.98 -21.60 -1.22
C LYS A 42 -0.88 -23.03 -1.77
N GLU A 43 -1.83 -23.39 -2.63
CA GLU A 43 -1.89 -24.73 -3.19
C GLU A 43 -2.94 -24.82 -4.30
N ARG A 44 -2.83 -25.87 -5.12
CA ARG A 44 -3.67 -26.06 -6.29
C ARG A 44 -5.15 -25.90 -5.97
N PRO A 45 -5.72 -24.72 -6.29
CA PRO A 45 -7.09 -24.31 -5.92
C PRO A 45 -8.19 -25.06 -6.66
N GLN A 46 -9.44 -24.88 -6.22
CA GLN A 46 -10.57 -25.64 -6.76
C GLN A 46 -11.47 -24.94 -7.78
N ASP A 47 -12.29 -24.00 -7.36
CA ASP A 47 -13.20 -23.32 -8.31
C ASP A 47 -12.47 -22.37 -9.26
N VAL A 48 -11.20 -22.11 -8.96
CA VAL A 48 -10.32 -21.36 -9.85
C VAL A 48 -10.85 -19.98 -10.18
N GLU A 52 -15.95 -13.77 -7.62
CA GLU A 52 -14.75 -13.31 -6.95
C GLU A 52 -14.01 -12.26 -7.76
N ALA A 53 -13.88 -11.06 -7.22
CA ALA A 53 -13.20 -9.97 -7.91
C ALA A 53 -11.84 -9.68 -7.29
N PRO A 54 -10.77 -10.18 -7.91
CA PRO A 54 -9.40 -9.98 -7.41
C PRO A 54 -9.01 -8.50 -7.41
N LEU A 55 -7.96 -8.17 -6.68
CA LEU A 55 -7.49 -6.79 -6.56
C LEU A 55 -6.64 -6.40 -7.77
N ASN A 56 -6.61 -5.12 -8.09
CA ASN A 56 -5.78 -4.64 -9.19
C ASN A 56 -4.30 -4.90 -8.93
N ASN A 57 -3.98 -5.25 -7.68
CA ASN A 57 -2.58 -5.49 -7.31
C ASN A 57 -2.01 -6.67 -8.06
N PHE A 58 -2.86 -7.65 -8.35
CA PHE A 58 -2.42 -8.90 -8.96
C PHE A 58 -2.59 -8.89 -10.47
N SER A 59 -2.78 -7.70 -11.03
CA SER A 59 -2.93 -7.54 -12.46
C SER A 59 -1.59 -7.22 -13.12
N VAL A 60 -1.32 -7.86 -14.25
CA VAL A 60 -0.06 -7.64 -14.97
C VAL A 60 -0.20 -6.66 -16.12
N ALA A 61 -0.93 -5.57 -15.88
CA ALA A 61 -1.03 -4.48 -16.85
C ALA A 61 0.19 -3.58 -16.75
N GLN A 62 0.60 -3.00 -17.87
CA GLN A 62 1.73 -2.08 -17.88
C GLN A 62 2.97 -2.73 -17.26
N CYS A 63 3.27 -3.96 -17.67
CA CYS A 63 4.44 -4.66 -17.18
C CYS A 63 5.38 -5.04 -18.32
N GLN A 64 6.58 -5.48 -17.95
CA GLN A 64 7.48 -6.16 -18.87
C GLN A 64 8.34 -7.10 -18.04
N LEU A 65 8.84 -8.17 -18.65
CA LEU A 65 9.57 -9.19 -17.90
C LEU A 65 11.08 -9.15 -18.11
N MET A 66 11.75 -10.20 -17.63
CA MET A 66 13.21 -10.23 -17.55
C MET A 66 13.66 -11.64 -17.21
N LYS A 67 14.94 -11.95 -17.44
CA LYS A 67 15.50 -13.24 -17.07
C LYS A 67 16.88 -13.11 -16.44
N THR A 68 17.22 -14.03 -15.55
CA THR A 68 18.48 -13.98 -14.82
C THR A 68 18.78 -15.30 -14.13
N GLU A 69 20.07 -15.58 -13.94
CA GLU A 69 20.50 -16.84 -13.32
C GLU A 69 21.00 -16.62 -11.89
N ARG A 70 20.69 -15.46 -11.34
CA ARG A 70 20.98 -15.18 -9.93
C ARG A 70 19.67 -15.00 -9.18
N PRO A 71 19.58 -15.53 -7.95
CA PRO A 71 20.59 -16.39 -7.32
C PRO A 71 20.60 -17.80 -7.92
N ARG A 72 19.56 -18.11 -8.68
CA ARG A 72 19.47 -19.41 -9.34
C ARG A 72 19.23 -19.25 -10.85
N PRO A 73 19.58 -20.28 -11.63
CA PRO A 73 19.64 -20.21 -13.10
C PRO A 73 18.30 -19.98 -13.82
N ASN A 74 17.22 -20.53 -13.28
CA ASN A 74 15.90 -20.37 -13.87
C ASN A 74 15.08 -19.30 -13.14
N THR A 75 15.00 -18.12 -13.73
CA THR A 75 14.35 -16.99 -13.07
C THR A 75 13.90 -15.90 -14.05
N PHE A 76 12.70 -15.38 -13.82
CA PHE A 76 12.22 -14.21 -14.54
C PHE A 76 11.63 -13.19 -13.57
N ILE A 77 11.49 -11.94 -14.03
CA ILE A 77 11.06 -10.86 -13.17
C ILE A 77 10.03 -9.98 -13.87
N ILE A 78 9.02 -9.53 -13.15
CA ILE A 78 8.03 -8.63 -13.71
C ILE A 78 8.15 -7.26 -13.04
N ARG A 79 8.01 -6.20 -13.83
CA ARG A 79 8.01 -4.85 -13.29
C ARG A 79 6.87 -4.00 -13.83
N CYS A 80 5.89 -3.74 -12.98
CA CYS A 80 4.67 -3.06 -13.36
C CYS A 80 4.67 -1.64 -12.81
N LEU A 81 4.07 -0.71 -13.54
CA LEU A 81 3.82 0.62 -13.02
C LEU A 81 2.40 0.71 -12.46
N GLN A 82 2.24 0.42 -11.17
CA GLN A 82 0.95 0.55 -10.51
C GLN A 82 0.75 1.96 -9.98
N TRP A 83 -0.26 2.65 -10.49
CA TRP A 83 -0.47 4.06 -10.20
C TRP A 83 0.81 4.86 -10.43
N THR A 84 1.52 5.17 -9.37
CA THR A 84 2.75 5.96 -9.50
C THR A 84 3.98 5.20 -9.04
N THR A 85 3.81 3.93 -8.70
CA THR A 85 4.90 3.15 -8.13
C THR A 85 5.36 2.05 -9.07
N VAL A 86 6.63 1.65 -8.93
CA VAL A 86 7.15 0.51 -9.66
C VAL A 86 7.31 -0.67 -8.72
N ILE A 87 6.55 -1.74 -8.97
CA ILE A 87 6.68 -2.96 -8.19
C ILE A 87 7.32 -4.05 -9.03
N GLU A 88 7.98 -5.00 -8.38
CA GLU A 88 8.56 -6.14 -9.09
C GLU A 88 8.54 -7.39 -8.22
N ARG A 89 8.37 -8.54 -8.86
CA ARG A 89 8.40 -9.81 -8.13
C ARG A 89 9.41 -10.80 -8.75
N THR A 90 9.97 -11.65 -7.89
CA THR A 90 11.04 -12.57 -8.30
C THR A 90 10.64 -14.04 -8.15
N PHE A 91 10.69 -14.77 -9.26
CA PHE A 91 10.24 -16.16 -9.28
C PHE A 91 11.41 -17.12 -9.46
N THR A 95 12.50 -26.25 -14.73
CA THR A 95 13.50 -26.37 -15.78
C THR A 95 13.31 -25.29 -16.84
N PRO A 96 14.43 -24.85 -17.43
CA PRO A 96 14.58 -23.59 -18.17
C PRO A 96 13.69 -23.39 -19.41
N GLU A 97 12.96 -24.42 -19.83
CA GLU A 97 12.16 -24.35 -21.06
C GLU A 97 10.85 -23.61 -20.81
N GLU A 98 10.25 -23.84 -19.64
CA GLU A 98 9.01 -23.18 -19.24
C GLU A 98 9.21 -21.67 -19.14
N ARG A 99 10.38 -21.26 -18.67
CA ARG A 99 10.68 -19.86 -18.38
C ARG A 99 10.61 -19.01 -19.64
N GLU A 100 10.43 -19.67 -20.80
CA GLU A 100 10.29 -18.96 -22.06
C GLU A 100 8.92 -19.18 -22.68
N GLU A 101 7.98 -19.66 -21.88
CA GLU A 101 6.59 -19.79 -22.31
C GLU A 101 5.68 -19.06 -21.32
N TRP A 102 5.98 -19.22 -20.04
CA TRP A 102 5.38 -18.39 -19.01
C TRP A 102 5.61 -16.92 -19.39
N THR A 103 6.88 -16.55 -19.54
CA THR A 103 7.25 -15.17 -19.84
C THR A 103 6.76 -14.79 -21.22
N THR A 104 6.23 -15.77 -21.95
CA THR A 104 5.62 -15.53 -23.25
C THR A 104 4.16 -15.14 -23.05
N ALA A 105 3.48 -15.89 -22.20
CA ALA A 105 2.05 -15.68 -21.96
C ALA A 105 1.79 -14.41 -21.19
N ILE A 106 2.54 -14.20 -20.11
CA ILE A 106 2.38 -13.03 -19.26
C ILE A 106 2.48 -11.75 -20.09
N GLN A 107 3.50 -11.69 -20.93
CA GLN A 107 3.74 -10.50 -21.75
C GLN A 107 2.62 -10.34 -22.77
N THR A 108 2.16 -11.46 -23.31
CA THR A 108 1.08 -11.46 -24.29
C THR A 108 -0.16 -10.77 -23.71
N VAL A 109 -0.63 -11.28 -22.58
CA VAL A 109 -1.79 -10.70 -21.90
C VAL A 109 -1.53 -9.26 -21.49
N ALA A 110 -0.32 -9.00 -21.01
CA ALA A 110 0.05 -7.65 -20.59
C ALA A 110 -0.12 -6.69 -21.75
N ASP A 111 0.45 -7.08 -22.89
CA ASP A 111 0.38 -6.26 -24.10
C ASP A 111 -1.03 -6.28 -24.69
N GLY A 112 -1.69 -7.43 -24.59
CA GLY A 112 -3.06 -7.51 -25.04
C GLY A 112 -3.94 -6.61 -24.20
N LEU A 113 -3.60 -6.50 -22.93
CA LEU A 113 -4.36 -5.67 -21.99
C LEU A 113 -4.03 -4.20 -22.20
N LYS A 114 -2.84 -3.94 -22.73
CA LYS A 114 -2.45 -2.58 -23.11
C LYS A 114 -3.16 -2.12 -24.39
N LYS A 115 -3.69 -3.07 -25.15
CA LYS A 115 -4.29 -2.78 -26.44
C LYS A 115 -5.39 -1.73 -26.35
N GLN A 116 -6.13 -1.73 -25.24
CA GLN A 116 -7.21 -0.77 -25.06
C GLN A 116 -6.71 0.55 -24.49
N VAL A 148 2.06 19.64 -19.43
CA VAL A 148 3.03 20.21 -18.49
C VAL A 148 4.41 19.59 -18.69
N THR A 149 5.43 20.43 -18.75
CA THR A 149 6.80 19.98 -19.00
C THR A 149 7.66 20.01 -17.74
N MET A 150 8.89 19.50 -17.86
CA MET A 150 9.77 19.33 -16.71
C MET A 150 9.99 20.62 -15.92
N ASN A 151 9.83 21.76 -16.58
CA ASN A 151 9.94 23.03 -15.86
C ASN A 151 8.85 24.04 -16.21
N GLU A 152 7.68 23.85 -15.62
CA GLU A 152 7.01 24.95 -14.93
C GLU A 152 7.44 24.84 -13.47
N PHE A 153 8.27 23.84 -13.20
CA PHE A 153 8.61 23.49 -11.83
C PHE A 153 10.02 23.94 -11.44
N GLU A 154 10.20 24.21 -10.15
CA GLU A 154 11.47 24.72 -9.63
C GLU A 154 11.93 23.88 -8.44
N TYR A 155 13.08 23.23 -8.58
CA TYR A 155 13.62 22.35 -7.55
C TYR A 155 13.72 23.07 -6.20
N LEU A 156 13.24 22.42 -5.14
CA LEU A 156 13.29 22.99 -3.80
C LEU A 156 14.18 22.19 -2.86
N LYS A 157 13.94 20.88 -2.79
CA LYS A 157 14.83 19.99 -2.04
C LYS A 157 14.53 18.53 -2.36
N LEU A 158 15.45 17.64 -1.98
CA LEU A 158 15.24 16.21 -2.13
C LEU A 158 14.49 15.63 -0.93
N LEU A 159 13.34 15.02 -1.19
CA LEU A 159 12.55 14.44 -0.11
C LEU A 159 13.04 13.04 0.23
N GLY A 160 13.58 12.34 -0.76
CA GLY A 160 14.08 11.00 -0.54
C GLY A 160 14.47 10.33 -1.84
N LYS A 161 15.22 9.23 -1.73
CA LYS A 161 15.65 8.49 -2.92
C LYS A 161 15.52 6.99 -2.74
N GLY A 162 15.30 6.29 -3.85
CA GLY A 162 15.15 4.85 -3.79
C GLY A 162 15.74 4.18 -5.02
N THR A 163 15.71 2.85 -5.02
CA THR A 163 16.27 2.07 -6.12
C THR A 163 15.73 2.56 -7.45
N PHE A 164 14.43 2.85 -7.50
CA PHE A 164 13.77 3.16 -8.77
C PHE A 164 13.63 4.66 -9.04
N GLY A 165 14.10 5.50 -8.13
CA GLY A 165 14.02 6.94 -8.37
C GLY A 165 14.13 7.83 -7.15
N LYS A 166 13.81 9.10 -7.34
CA LYS A 166 13.91 10.09 -6.28
C LYS A 166 12.60 10.86 -6.14
N VAL A 167 12.34 11.39 -4.95
CA VAL A 167 11.17 12.25 -4.77
C VAL A 167 11.60 13.67 -4.45
N ILE A 168 11.02 14.63 -5.16
CA ILE A 168 11.48 16.01 -5.16
C ILE A 168 10.38 16.96 -4.70
N LEU A 169 10.75 18.05 -4.04
CA LEU A 169 9.82 19.15 -3.81
C LEU A 169 10.01 20.18 -4.91
N VAL A 170 8.92 20.53 -5.58
CA VAL A 170 8.96 21.51 -6.66
C VAL A 170 7.94 22.62 -6.43
N LYS A 171 8.36 23.87 -6.65
CA LYS A 171 7.42 24.97 -6.71
C LYS A 171 6.96 25.15 -8.15
N GLU A 172 5.66 25.28 -8.34
CA GLU A 172 5.13 25.55 -9.67
C GLU A 172 5.41 27.01 -10.01
N LYS A 173 6.23 27.23 -11.03
CA LYS A 173 6.67 28.58 -11.36
C LYS A 173 5.52 29.45 -11.85
N ALA A 174 4.39 28.82 -12.14
CA ALA A 174 3.21 29.54 -12.61
C ALA A 174 2.21 29.82 -11.48
N THR A 175 2.23 28.99 -10.44
CA THR A 175 1.26 29.10 -9.35
C THR A 175 1.88 29.49 -8.01
N GLY A 176 3.06 28.97 -7.73
CA GLY A 176 3.73 29.28 -6.49
C GLY A 176 3.51 28.22 -5.42
N ARG A 177 2.34 27.58 -5.44
CA ARG A 177 2.05 26.52 -4.50
C ARG A 177 2.84 25.27 -4.85
N TYR A 178 3.29 24.55 -3.82
CA TYR A 178 4.31 23.52 -3.97
C TYR A 178 3.74 22.15 -4.29
N TYR A 179 4.63 21.22 -4.61
CA TYR A 179 4.25 19.85 -4.92
C TYR A 179 5.39 18.91 -4.59
N ALA A 180 5.09 17.62 -4.47
CA ALA A 180 6.11 16.59 -4.48
C ALA A 180 6.14 15.98 -5.88
N MET A 181 7.34 15.72 -6.39
CA MET A 181 7.45 15.10 -7.71
C MET A 181 8.18 13.78 -7.65
N LYS A 182 7.45 12.70 -7.91
CA LYS A 182 8.05 11.37 -7.96
C LYS A 182 8.68 11.19 -9.33
N ILE A 183 10.00 11.04 -9.36
CA ILE A 183 10.71 10.87 -10.61
C ILE A 183 11.29 9.47 -10.71
N LEU A 184 10.66 8.64 -11.52
CA LEU A 184 11.13 7.29 -11.73
C LEU A 184 11.97 7.24 -13.00
N LYS A 185 13.03 6.42 -12.96
CA LYS A 185 13.82 6.14 -14.15
C LYS A 185 13.06 5.17 -15.04
N LYS A 186 12.77 5.59 -16.27
CA LYS A 186 11.88 4.82 -17.14
C LYS A 186 12.53 3.56 -17.70
N GLU A 187 13.86 3.50 -17.62
CA GLU A 187 14.59 2.37 -18.19
C GLU A 187 14.61 1.14 -17.29
N VAL A 188 14.12 1.30 -16.06
CA VAL A 188 13.91 0.16 -15.18
C VAL A 188 12.63 -0.57 -15.58
N ILE A 189 11.69 0.18 -16.17
CA ILE A 189 10.45 -0.40 -16.67
C ILE A 189 10.39 -0.40 -18.20
N VAL A 190 9.94 0.70 -18.80
CA VAL A 190 9.91 0.83 -20.26
C VAL A 190 11.33 1.05 -20.79
N ALA A 191 12.11 -0.02 -20.84
CA ALA A 191 13.50 0.05 -21.27
C ALA A 191 13.62 0.06 -22.79
N ASN A 202 -3.31 9.79 -19.22
CA ASN A 202 -4.75 9.81 -18.97
C ASN A 202 -5.08 10.59 -17.70
N ARG A 203 -6.13 11.41 -17.74
CA ARG A 203 -6.52 12.20 -16.58
C ARG A 203 -7.52 11.49 -15.68
N VAL A 204 -7.45 10.16 -15.71
CA VAL A 204 -8.03 9.29 -14.70
C VAL A 204 -7.76 9.81 -13.29
N LEU A 205 -6.83 10.75 -13.18
CA LEU A 205 -6.40 11.28 -11.89
C LEU A 205 -7.32 12.36 -11.32
N GLN A 206 -8.48 12.57 -11.92
CA GLN A 206 -9.48 13.47 -11.35
C GLN A 206 -10.60 12.69 -10.68
N ASN A 207 -10.74 11.42 -11.05
CA ASN A 207 -11.63 10.49 -10.37
C ASN A 207 -11.03 10.12 -9.01
N SER A 208 -9.71 9.98 -8.98
CA SER A 208 -9.03 9.40 -7.84
C SER A 208 -8.84 10.40 -6.70
N ARG A 209 -9.67 11.43 -6.69
CA ARG A 209 -9.64 12.43 -5.60
C ARG A 209 -10.33 11.93 -4.33
N HIS A 210 -9.59 11.95 -3.23
CA HIS A 210 -10.17 11.70 -1.91
C HIS A 210 -9.56 12.66 -0.91
N PRO A 211 -10.37 13.19 0.02
CA PRO A 211 -9.88 14.22 0.93
C PRO A 211 -8.70 13.80 1.82
N PHE A 212 -8.48 12.50 1.94
CA PHE A 212 -7.45 12.00 2.85
C PHE A 212 -6.31 11.28 2.14
N LEU A 213 -6.28 11.38 0.81
CA LEU A 213 -5.18 10.84 0.02
C LEU A 213 -4.50 11.98 -0.73
N THR A 214 -3.17 11.96 -0.78
CA THR A 214 -2.47 12.97 -1.55
C THR A 214 -2.81 12.80 -3.03
N ALA A 215 -3.24 13.89 -3.66
CA ALA A 215 -3.76 13.87 -5.02
C ALA A 215 -2.63 13.85 -6.05
N LEU A 216 -2.81 13.05 -7.09
CA LEU A 216 -1.93 13.14 -8.25
C LEU A 216 -2.53 14.17 -9.21
N LYS A 217 -1.84 15.30 -9.38
CA LYS A 217 -2.34 16.40 -10.20
C LYS A 217 -1.78 16.40 -11.62
N TYR A 218 -0.51 16.02 -11.77
CA TYR A 218 0.09 15.91 -13.11
C TYR A 218 0.96 14.65 -13.22
N SER A 219 0.97 14.05 -14.41
CA SER A 219 1.95 13.03 -14.73
C SER A 219 2.41 13.18 -16.18
N PHE A 220 3.71 13.41 -16.37
CA PHE A 220 4.26 13.58 -17.71
C PHE A 220 5.56 12.80 -17.87
N GLN A 221 5.87 12.43 -19.11
CA GLN A 221 7.10 11.71 -19.42
C GLN A 221 8.08 12.63 -20.12
N THR A 222 9.36 12.29 -20.04
CA THR A 222 10.41 12.99 -20.78
C THR A 222 11.47 12.05 -21.33
N HIS A 223 12.67 12.56 -21.49
CA HIS A 223 13.71 11.93 -22.30
C HIS A 223 14.06 10.55 -21.76
N ASP A 224 14.00 10.40 -20.44
CA ASP A 224 14.36 9.15 -19.81
C ASP A 224 13.65 8.95 -18.46
N ARG A 225 12.88 9.95 -18.03
CA ARG A 225 12.27 9.91 -16.72
C ARG A 225 10.74 9.89 -16.74
N LEU A 226 10.15 9.21 -15.76
CA LEU A 226 8.71 9.22 -15.56
C LEU A 226 8.35 10.11 -14.38
N CYS A 227 7.59 11.17 -14.64
CA CYS A 227 7.32 12.16 -13.61
C CYS A 227 5.87 12.13 -13.13
N PHE A 228 5.69 12.28 -11.82
CA PHE A 228 4.36 12.34 -11.23
C PHE A 228 4.32 13.47 -10.21
N VAL A 229 3.42 14.43 -10.42
CA VAL A 229 3.33 15.59 -9.54
C VAL A 229 2.12 15.49 -8.61
N MET A 230 2.36 15.07 -7.38
CA MET A 230 1.31 14.92 -6.37
C MET A 230 1.28 16.12 -5.43
N GLU A 231 0.12 16.39 -4.83
CA GLU A 231 -0.01 17.52 -3.92
C GLU A 231 0.82 17.29 -2.66
N TYR A 232 1.11 18.36 -1.94
CA TYR A 232 1.96 18.26 -0.75
C TYR A 232 1.29 18.81 0.50
N ALA A 233 1.24 17.98 1.54
CA ALA A 233 0.61 18.37 2.79
C ALA A 233 1.61 19.12 3.68
N ASN A 234 1.19 20.23 4.24
CA ASN A 234 2.11 21.16 4.90
C ASN A 234 2.41 20.78 6.35
N GLY A 235 1.44 20.17 7.02
CA GLY A 235 1.48 20.06 8.47
C GLY A 235 2.27 18.91 9.04
N GLY A 236 3.33 18.51 8.34
CA GLY A 236 4.19 17.45 8.85
C GLY A 236 3.50 16.11 8.96
N GLU A 237 4.25 15.08 9.34
CA GLU A 237 3.69 13.73 9.48
C GLU A 237 3.55 13.34 10.95
N LEU A 238 2.67 12.37 11.21
CA LEU A 238 2.38 11.98 12.57
C LEU A 238 3.64 11.60 13.35
N PHE A 239 4.49 10.77 12.74
CA PHE A 239 5.67 10.26 13.42
C PHE A 239 6.29 11.36 14.28
N PHE A 240 6.41 12.54 13.71
CA PHE A 240 6.84 13.73 14.45
C PHE A 240 5.94 13.91 15.68
N HIS A 241 4.73 14.41 15.44
CA HIS A 241 3.88 14.94 16.50
C HIS A 241 3.53 13.92 17.58
N LEU A 242 3.76 12.65 17.30
CA LEU A 242 3.54 11.59 18.28
C LEU A 242 4.76 11.43 19.19
N SER A 243 5.92 11.82 18.67
CA SER A 243 7.15 11.80 19.45
C SER A 243 7.12 12.85 20.54
N ARG A 244 6.61 14.03 20.20
CA ARG A 244 6.54 15.14 21.14
C ARG A 244 5.44 14.91 22.17
N GLU A 245 4.44 14.10 21.79
CA GLU A 245 3.28 13.89 22.65
C GLU A 245 3.36 12.57 23.41
N ARG A 246 4.23 11.67 22.96
CA ARG A 246 4.46 10.38 23.60
C ARG A 246 3.35 9.34 23.37
N VAL A 247 2.10 9.76 23.56
CA VAL A 247 0.97 8.88 23.31
C VAL A 247 -0.23 9.74 22.92
N PHE A 248 -1.24 9.12 22.33
CA PHE A 248 -2.47 9.83 21.97
C PHE A 248 -3.69 9.24 22.68
N SER A 249 -4.60 10.11 23.09
CA SER A 249 -5.87 9.69 23.66
C SER A 249 -6.60 8.79 22.68
N GLU A 250 -7.67 8.16 23.13
CA GLU A 250 -8.49 7.34 22.26
C GLU A 250 -9.26 8.24 21.29
N ASP A 251 -9.76 9.36 21.79
CA ASP A 251 -10.42 10.35 20.97
C ASP A 251 -9.56 10.80 19.81
N ARG A 252 -8.32 11.16 20.12
CA ARG A 252 -7.39 11.64 19.09
C ARG A 252 -7.00 10.52 18.13
N ALA A 253 -6.91 9.30 18.64
CA ALA A 253 -6.62 8.14 17.81
C ALA A 253 -7.83 7.73 16.97
N ARG A 254 -9.03 7.99 17.46
CA ARG A 254 -10.25 7.74 16.70
C ARG A 254 -10.39 8.74 15.55
N PHE A 255 -9.76 9.89 15.68
CA PHE A 255 -9.82 10.92 14.63
C PHE A 255 -8.97 10.52 13.44
N TYR A 256 -7.76 10.04 13.72
CA TYR A 256 -6.84 9.68 12.65
C TYR A 256 -7.21 8.34 12.04
N GLY A 257 -7.65 7.41 12.89
CA GLY A 257 -8.11 6.13 12.40
C GLY A 257 -9.32 6.25 11.49
N ALA A 258 -10.25 7.15 11.84
CA ALA A 258 -11.48 7.31 11.07
C ALA A 258 -11.17 7.79 9.66
N GLU A 259 -10.24 8.74 9.54
CA GLU A 259 -9.90 9.32 8.26
C GLU A 259 -9.10 8.34 7.41
N ILE A 260 -8.33 7.47 8.06
CA ILE A 260 -7.65 6.38 7.38
C ILE A 260 -8.67 5.40 6.81
N VAL A 261 -9.68 5.07 7.62
CA VAL A 261 -10.69 4.11 7.21
C VAL A 261 -11.49 4.59 6.02
N SER A 262 -11.88 5.87 6.04
CA SER A 262 -12.53 6.49 4.90
C SER A 262 -11.68 6.34 3.63
N ALA A 263 -10.40 6.69 3.73
CA ALA A 263 -9.49 6.58 2.59
C ALA A 263 -9.29 5.13 2.12
N LEU A 264 -9.20 4.20 3.06
CA LEU A 264 -8.98 2.80 2.69
C LEU A 264 -10.25 2.19 2.09
N ASP A 265 -11.39 2.55 2.67
CA ASP A 265 -12.67 2.12 2.11
C ASP A 265 -12.71 2.55 0.66
N TYR A 266 -12.29 3.79 0.41
CA TYR A 266 -12.36 4.35 -0.91
C TYR A 266 -11.46 3.62 -1.91
N LEU A 267 -10.27 3.26 -1.45
CA LEU A 267 -9.32 2.52 -2.30
C LEU A 267 -9.80 1.10 -2.55
N HIS A 268 -10.51 0.55 -1.57
CA HIS A 268 -11.02 -0.82 -1.67
C HIS A 268 -12.22 -0.93 -2.62
N SER A 269 -13.25 -0.13 -2.35
CA SER A 269 -14.49 -0.19 -3.13
C SER A 269 -14.30 0.41 -4.54
N GLU A 270 -13.76 1.61 -4.59
CA GLU A 270 -13.72 2.36 -5.83
C GLU A 270 -12.60 1.94 -6.75
N LYS A 271 -11.38 1.89 -6.23
CA LYS A 271 -10.24 1.54 -7.06
C LYS A 271 -9.87 0.05 -7.01
N ASN A 272 -10.45 -0.68 -6.07
CA ASN A 272 -10.18 -2.11 -5.94
C ASN A 272 -8.67 -2.40 -5.81
N VAL A 273 -8.00 -1.65 -4.93
CA VAL A 273 -6.59 -1.89 -4.63
C VAL A 273 -6.36 -1.89 -3.12
N VAL A 274 -5.46 -2.75 -2.66
CA VAL A 274 -4.98 -2.67 -1.29
C VAL A 274 -3.78 -1.75 -1.27
N TYR A 275 -3.65 -0.96 -0.21
CA TYR A 275 -2.58 0.04 -0.13
C TYR A 275 -1.30 -0.59 0.40
N ARG A 276 -1.43 -1.35 1.48
CA ARG A 276 -0.37 -2.25 1.94
C ARG A 276 0.83 -1.57 2.61
N ASP A 277 0.88 -0.24 2.54
CA ASP A 277 2.04 0.46 3.07
C ASP A 277 1.69 1.31 4.28
N LEU A 278 0.57 1.01 4.91
CA LEU A 278 0.11 1.83 6.01
C LEU A 278 1.14 1.79 7.14
N LYS A 279 1.72 2.94 7.42
CA LYS A 279 2.69 3.08 8.51
C LYS A 279 2.65 4.53 8.99
N LEU A 280 3.04 4.74 10.25
CA LEU A 280 2.92 6.05 10.89
C LEU A 280 3.58 7.16 10.09
N GLU A 281 4.67 6.83 9.41
CA GLU A 281 5.47 7.82 8.72
C GLU A 281 4.85 8.18 7.37
N ASN A 282 3.85 7.41 6.96
CA ASN A 282 3.17 7.65 5.69
C ASN A 282 1.92 8.48 5.88
N LEU A 283 1.75 9.02 7.08
CA LEU A 283 0.61 9.85 7.38
C LEU A 283 1.04 11.28 7.63
N MET A 284 0.67 12.18 6.73
CA MET A 284 0.95 13.59 6.91
C MET A 284 -0.33 14.33 7.28
N LEU A 285 -0.19 15.58 7.66
CA LEU A 285 -1.34 16.43 7.95
C LEU A 285 -1.34 17.52 6.89
N ASP A 286 -2.52 17.96 6.47
CA ASP A 286 -2.59 19.16 5.65
C ASP A 286 -2.45 20.36 6.59
N LYS A 287 -2.71 21.57 6.09
CA LYS A 287 -2.51 22.75 6.92
C LYS A 287 -3.48 22.79 8.09
N ASP A 288 -4.60 22.09 7.98
CA ASP A 288 -5.65 22.11 8.99
C ASP A 288 -5.55 20.98 10.00
N GLY A 289 -4.68 20.01 9.73
CA GLY A 289 -4.50 18.90 10.64
C GLY A 289 -5.21 17.63 10.22
N HIS A 290 -5.77 17.64 9.01
CA HIS A 290 -6.40 16.44 8.48
C HIS A 290 -5.37 15.53 7.81
N ILE A 291 -5.66 14.24 7.81
CA ILE A 291 -4.80 13.23 7.22
C ILE A 291 -4.56 13.42 5.72
N LYS A 292 -3.35 13.09 5.30
CA LYS A 292 -3.03 12.92 3.89
C LYS A 292 -2.09 11.72 3.77
N ILE A 293 -2.61 10.58 3.33
CA ILE A 293 -1.80 9.39 3.13
C ILE A 293 -0.91 9.56 1.90
N THR A 294 0.40 9.37 2.08
CA THR A 294 1.38 9.64 1.04
C THR A 294 1.56 8.48 0.05
N ASP A 295 2.18 8.78 -1.07
CA ASP A 295 2.39 7.80 -2.14
C ASP A 295 3.80 7.95 -2.72
N PHE A 296 4.82 7.65 -1.92
CA PHE A 296 6.21 7.93 -2.27
C PHE A 296 7.06 6.68 -2.47
N GLY A 297 6.41 5.53 -2.68
CA GLY A 297 7.14 4.28 -2.79
C GLY A 297 8.19 4.28 -3.90
N LEU A 298 9.45 4.06 -3.53
CA LEU A 298 10.53 4.04 -4.51
C LEU A 298 11.23 2.68 -4.58
N CYS A 299 11.11 1.90 -3.51
CA CYS A 299 11.28 0.45 -3.59
C CYS A 299 10.77 -0.23 -2.33
N LYS A 300 11.64 -0.47 -1.36
CA LYS A 300 11.23 -1.04 -0.09
C LYS A 300 10.84 0.08 0.87
N GLU A 301 9.66 0.64 0.65
CA GLU A 301 9.12 1.66 1.56
C GLU A 301 9.95 2.94 1.52
N PRO A 316 7.76 -3.34 7.64
CA PRO A 316 8.03 -4.61 8.31
C PRO A 316 7.34 -4.73 9.66
N GLU A 317 7.55 -3.74 10.53
CA GLU A 317 6.79 -3.62 11.78
C GLU A 317 5.31 -3.37 11.50
N TYR A 318 5.01 -2.88 10.30
CA TYR A 318 3.63 -2.57 9.93
C TYR A 318 2.98 -3.62 9.01
N LEU A 319 3.77 -4.52 8.46
CA LEU A 319 3.24 -5.56 7.57
C LEU A 319 2.65 -6.74 8.32
N ALA A 320 1.61 -7.33 7.74
CA ALA A 320 0.86 -8.40 8.38
C ALA A 320 1.57 -9.73 8.18
N PRO A 321 1.20 -10.74 8.99
CA PRO A 321 1.82 -12.06 8.92
C PRO A 321 1.77 -12.66 7.52
N GLU A 322 0.61 -12.62 6.88
CA GLU A 322 0.45 -13.26 5.58
C GLU A 322 1.33 -12.61 4.51
N VAL A 323 1.83 -11.41 4.79
CA VAL A 323 2.67 -10.70 3.84
C VAL A 323 4.15 -11.02 4.03
N LEU A 324 4.57 -11.19 5.28
CA LEU A 324 5.95 -11.54 5.58
C LEU A 324 6.19 -13.01 5.22
N GLU A 325 5.10 -13.78 5.19
CA GLU A 325 5.15 -15.19 4.86
C GLU A 325 4.93 -15.45 3.37
N ASP A 326 4.48 -14.43 2.65
CA ASP A 326 4.34 -14.52 1.20
C ASP A 326 3.13 -15.37 0.81
N ASN A 327 2.15 -15.46 1.70
CA ASN A 327 0.91 -16.18 1.42
C ASN A 327 -0.10 -15.30 0.70
N ASP A 328 -1.29 -15.84 0.46
CA ASP A 328 -2.37 -15.08 -0.15
C ASP A 328 -2.79 -13.95 0.79
N TYR A 329 -2.91 -12.75 0.25
CA TYR A 329 -3.40 -11.64 1.04
C TYR A 329 -4.43 -10.83 0.29
N GLY A 330 -5.18 -10.01 1.01
CA GLY A 330 -6.20 -9.19 0.38
C GLY A 330 -6.35 -7.85 1.06
N ARG A 331 -7.60 -7.46 1.27
CA ARG A 331 -7.93 -6.16 1.85
C ARG A 331 -7.58 -6.14 3.33
N ALA A 332 -7.34 -7.32 3.88
CA ALA A 332 -7.07 -7.46 5.30
C ALA A 332 -5.69 -6.93 5.71
N VAL A 333 -4.73 -6.93 4.81
CA VAL A 333 -3.40 -6.43 5.19
C VAL A 333 -3.47 -4.94 5.50
N ASP A 334 -4.49 -4.26 4.98
CA ASP A 334 -4.66 -2.83 5.22
C ASP A 334 -5.19 -2.57 6.64
N TRP A 335 -6.07 -3.45 7.10
CA TRP A 335 -6.70 -3.31 8.39
C TRP A 335 -5.76 -3.70 9.53
N TRP A 336 -4.94 -4.72 9.28
CA TRP A 336 -3.83 -5.04 10.16
C TRP A 336 -3.04 -3.76 10.44
N GLY A 337 -2.63 -3.09 9.36
CA GLY A 337 -1.84 -1.88 9.51
C GLY A 337 -2.61 -0.75 10.17
N LEU A 338 -3.93 -0.73 10.00
CA LEU A 338 -4.75 0.17 10.77
C LEU A 338 -4.53 -0.17 12.23
N GLY A 339 -4.59 -1.46 12.54
CA GLY A 339 -4.33 -1.92 13.89
C GLY A 339 -3.00 -1.44 14.46
N VAL A 340 -1.93 -1.58 13.70
CA VAL A 340 -0.61 -1.20 14.21
C VAL A 340 -0.50 0.30 14.39
N VAL A 341 -0.95 1.06 13.39
CA VAL A 341 -0.92 2.50 13.46
C VAL A 341 -1.77 3.02 14.60
N MET A 342 -2.94 2.43 14.79
CA MET A 342 -3.81 2.84 15.88
C MET A 342 -3.37 2.32 17.24
N TYR A 343 -2.78 1.15 17.29
CA TYR A 343 -2.24 0.65 18.55
C TYR A 343 -1.10 1.56 18.97
N GLU A 344 -0.29 1.92 17.99
CA GLU A 344 0.89 2.73 18.24
C GLU A 344 0.48 4.11 18.77
N MET A 345 -0.63 4.64 18.25
CA MET A 345 -1.12 5.94 18.68
C MET A 345 -1.61 5.88 20.11
N MET A 346 -2.40 4.85 20.42
CA MET A 346 -3.07 4.75 21.70
C MET A 346 -2.19 4.19 22.83
N CYS A 347 -1.01 3.67 22.48
CA CYS A 347 -0.16 2.99 23.46
C CYS A 347 1.23 3.61 23.58
N GLY A 348 1.67 4.31 22.54
CA GLY A 348 2.98 4.91 22.59
C GLY A 348 4.09 4.02 22.05
N ARG A 349 3.79 2.76 21.81
CA ARG A 349 4.78 1.82 21.30
C ARG A 349 4.23 1.04 20.12
N LEU A 350 5.12 0.57 19.25
CA LEU A 350 4.78 -0.47 18.30
C LEU A 350 4.25 -1.68 19.05
N PRO A 351 3.28 -2.39 18.47
CA PRO A 351 2.77 -3.65 19.03
C PRO A 351 3.81 -4.77 18.96
N PHE A 352 4.64 -4.74 17.93
CA PHE A 352 5.66 -5.77 17.71
C PHE A 352 7.00 -5.14 17.32
N TYR A 353 7.94 -5.08 18.25
CA TYR A 353 9.28 -4.61 17.92
C TYR A 353 10.42 -5.37 18.59
N ASN A 354 11.53 -5.50 17.86
CA ASN A 354 12.78 -6.05 18.37
C ASN A 354 13.89 -5.73 17.38
N GLN A 355 15.07 -5.39 17.90
CA GLN A 355 16.19 -5.02 17.03
C GLN A 355 16.53 -6.16 16.10
N ASP A 356 16.38 -7.39 16.57
CA ASP A 356 16.65 -8.57 15.76
C ASP A 356 15.46 -8.86 14.85
N HIS A 357 15.76 -9.15 13.58
CA HIS A 357 14.71 -9.32 12.58
C HIS A 357 14.00 -10.66 12.65
N GLU A 358 14.71 -11.70 13.08
CA GLU A 358 14.10 -13.02 13.22
C GLU A 358 13.15 -13.03 14.42
N LYS A 359 13.46 -12.19 15.41
CA LYS A 359 12.58 -12.00 16.56
C LYS A 359 11.38 -11.12 16.19
N LEU A 360 11.61 -10.11 15.37
CA LEU A 360 10.56 -9.21 14.92
C LEU A 360 9.49 -9.98 14.15
N PHE A 361 9.94 -10.83 13.23
CA PHE A 361 9.03 -11.61 12.41
C PHE A 361 8.30 -12.64 13.27
N GLU A 362 8.99 -13.16 14.27
CA GLU A 362 8.40 -14.14 15.17
C GLU A 362 7.33 -13.51 16.04
N LEU A 363 7.55 -12.29 16.50
CA LEU A 363 6.56 -11.58 17.30
C LEU A 363 5.29 -11.38 16.49
N ILE A 364 5.44 -10.85 15.28
CA ILE A 364 4.30 -10.54 14.42
C ILE A 364 3.48 -11.77 14.05
N LEU A 365 4.17 -12.86 13.69
CA LEU A 365 3.51 -14.11 13.32
C LEU A 365 2.95 -14.85 14.51
N MET A 366 3.67 -14.84 15.64
CA MET A 366 3.44 -15.84 16.68
C MET A 366 2.85 -15.33 17.99
N GLU A 367 3.23 -14.13 18.40
CA GLU A 367 3.03 -13.74 19.80
C GLU A 367 1.81 -12.85 20.06
N GLU A 368 1.30 -12.93 21.29
CA GLU A 368 0.14 -12.16 21.70
C GLU A 368 0.48 -10.68 21.80
N ILE A 369 -0.56 -9.85 21.88
CA ILE A 369 -0.41 -8.42 21.99
C ILE A 369 -0.86 -7.95 23.39
N ARG A 370 -0.05 -7.14 24.05
CA ARG A 370 -0.40 -6.67 25.38
C ARG A 370 -0.94 -5.24 25.37
N PHE A 371 -1.97 -5.00 26.18
CA PHE A 371 -2.58 -3.68 26.26
C PHE A 371 -2.26 -3.00 27.58
N PRO A 372 -1.86 -1.72 27.53
CA PRO A 372 -1.71 -0.98 28.78
C PRO A 372 -3.04 -0.93 29.53
N ARG A 373 -2.99 -0.77 30.84
CA ARG A 373 -4.19 -0.84 31.66
C ARG A 373 -5.13 0.34 31.41
N THR A 374 -4.60 1.42 30.85
CA THR A 374 -5.38 2.61 30.54
C THR A 374 -6.51 2.32 29.53
N LEU A 375 -6.29 1.33 28.67
CA LEU A 375 -7.10 1.16 27.47
C LEU A 375 -8.52 0.67 27.75
N GLY A 376 -9.51 1.43 27.27
CA GLY A 376 -10.89 1.03 27.47
C GLY A 376 -11.24 -0.26 26.75
N PRO A 377 -12.40 -0.86 27.07
CA PRO A 377 -12.78 -2.14 26.45
C PRO A 377 -13.02 -2.06 24.94
N GLU A 378 -13.58 -0.95 24.47
CA GLU A 378 -13.85 -0.80 23.03
C GLU A 378 -12.56 -0.68 22.24
N ALA A 379 -11.61 0.08 22.78
CA ALA A 379 -10.36 0.33 22.08
C ALA A 379 -9.54 -0.94 21.88
N LYS A 380 -9.66 -1.88 22.79
CA LYS A 380 -8.86 -3.10 22.69
C LYS A 380 -9.61 -4.21 21.95
N SER A 381 -10.93 -4.20 22.02
CA SER A 381 -11.71 -5.07 21.15
C SER A 381 -11.43 -4.73 19.69
N LEU A 382 -11.17 -3.45 19.42
CA LEU A 382 -10.93 -3.01 18.06
C LEU A 382 -9.53 -3.41 17.61
N LEU A 383 -8.56 -3.22 18.50
CA LEU A 383 -7.17 -3.52 18.17
C LEU A 383 -6.91 -5.03 18.09
N SER A 384 -7.51 -5.79 19.00
CA SER A 384 -7.36 -7.24 18.99
C SER A 384 -7.89 -7.81 17.68
N GLY A 385 -9.04 -7.29 17.23
CA GLY A 385 -9.65 -7.80 16.02
C GLY A 385 -8.87 -7.43 14.78
N LEU A 386 -8.35 -6.21 14.74
CA LEU A 386 -7.57 -5.74 13.61
C LEU A 386 -6.24 -6.46 13.54
N LEU A 387 -5.76 -6.94 14.67
CA LEU A 387 -4.42 -7.51 14.75
C LEU A 387 -4.47 -9.02 14.95
N LYS A 388 -5.60 -9.62 14.55
CA LYS A 388 -5.70 -11.06 14.43
C LYS A 388 -4.64 -11.52 13.44
N LYS A 389 -4.03 -12.67 13.71
CA LYS A 389 -3.04 -13.21 12.80
C LYS A 389 -3.69 -13.73 11.51
N ASP A 390 -4.89 -14.29 11.64
CA ASP A 390 -5.58 -14.91 10.51
C ASP A 390 -6.49 -13.95 9.76
N PRO A 391 -6.14 -13.66 8.50
CA PRO A 391 -6.83 -12.68 7.65
C PRO A 391 -8.34 -12.88 7.58
N LYS A 392 -8.77 -14.13 7.43
CA LYS A 392 -10.20 -14.42 7.33
C LYS A 392 -10.92 -14.21 8.66
N GLN A 393 -10.16 -13.97 9.72
CA GLN A 393 -10.74 -13.70 11.02
C GLN A 393 -10.55 -12.25 11.43
N ARG A 394 -9.61 -11.58 10.75
CA ARG A 394 -9.28 -10.21 11.07
C ARG A 394 -10.47 -9.29 10.83
N LEU A 395 -10.77 -8.45 11.82
CA LEU A 395 -11.80 -7.43 11.66
C LEU A 395 -11.54 -6.67 10.35
N GLY A 396 -12.50 -6.73 9.43
CA GLY A 396 -12.36 -6.05 8.15
C GLY A 396 -12.06 -6.98 6.99
N GLY A 397 -11.65 -8.21 7.31
CA GLY A 397 -11.29 -9.16 6.26
C GLY A 397 -12.49 -9.90 5.73
N GLY A 398 -13.68 -9.55 6.22
CA GLY A 398 -14.90 -10.16 5.73
C GLY A 398 -15.39 -9.57 4.42
N SER A 399 -16.52 -10.05 3.94
CA SER A 399 -17.02 -9.62 2.63
C SER A 399 -17.37 -8.14 2.64
N GLU A 400 -17.74 -7.60 3.80
CA GLU A 400 -18.18 -6.21 3.89
C GLU A 400 -17.03 -5.23 4.12
N ASP A 401 -15.84 -5.76 4.36
CA ASP A 401 -14.63 -4.96 4.33
C ASP A 401 -14.66 -3.81 5.33
N ALA A 402 -14.55 -2.58 4.82
CA ALA A 402 -14.38 -1.41 5.66
C ALA A 402 -15.58 -1.15 6.55
N LYS A 403 -16.72 -1.74 6.20
CA LYS A 403 -17.95 -1.47 6.93
C LYS A 403 -17.97 -2.06 8.33
N GLU A 404 -17.39 -3.23 8.52
CA GLU A 404 -17.41 -3.81 9.86
C GLU A 404 -16.43 -3.11 10.81
N ILE A 405 -15.46 -2.39 10.27
CA ILE A 405 -14.67 -1.46 11.07
C ILE A 405 -15.50 -0.23 11.45
N MET A 406 -16.06 0.43 10.44
CA MET A 406 -16.97 1.54 10.65
C MET A 406 -18.06 1.25 11.67
N GLN A 407 -18.41 -0.02 11.85
CA GLN A 407 -19.53 -0.38 12.69
C GLN A 407 -19.08 -0.96 14.03
N HIS A 408 -17.78 -1.03 14.25
CA HIS A 408 -17.28 -1.49 15.54
C HIS A 408 -17.66 -0.44 16.59
N ARG A 409 -17.73 -0.86 17.85
CA ARG A 409 -18.24 -0.01 18.93
C ARG A 409 -17.31 1.16 19.24
N PHE A 410 -16.02 1.02 18.97
CA PHE A 410 -15.08 2.09 19.25
C PHE A 410 -15.32 3.32 18.35
N PHE A 411 -16.03 3.12 17.24
CA PHE A 411 -16.40 4.22 16.35
C PHE A 411 -17.89 4.58 16.49
N ALA A 412 -18.53 4.12 17.57
CA ALA A 412 -19.96 4.37 17.77
C ALA A 412 -20.31 5.85 17.64
N GLY A 413 -21.50 6.14 17.10
CA GLY A 413 -21.96 7.51 16.98
C GLY A 413 -21.58 8.23 15.69
N ILE A 414 -20.45 7.84 15.10
CA ILE A 414 -19.92 8.52 13.93
C ILE A 414 -20.74 8.25 12.65
N VAL A 415 -21.05 9.31 11.93
CA VAL A 415 -21.65 9.17 10.62
C VAL A 415 -20.60 9.52 9.58
N TRP A 416 -20.33 8.59 8.67
CA TRP A 416 -19.07 8.57 7.97
C TRP A 416 -19.00 9.53 6.80
N GLN A 417 -20.15 9.97 6.30
CA GLN A 417 -20.18 11.05 5.33
C GLN A 417 -19.60 12.31 5.96
N HIS A 418 -19.76 12.44 7.28
CA HIS A 418 -19.18 13.55 8.01
C HIS A 418 -17.65 13.52 8.03
N VAL A 419 -17.07 12.34 8.25
CA VAL A 419 -15.62 12.16 8.17
C VAL A 419 -15.12 12.51 6.77
N TYR A 420 -15.82 12.02 5.75
CA TYR A 420 -15.48 12.36 4.37
C TYR A 420 -15.47 13.88 4.15
N GLU A 421 -16.46 14.55 4.72
CA GLU A 421 -16.61 15.99 4.52
C GLU A 421 -15.69 16.79 5.44
N LYS A 422 -14.94 16.09 6.28
CA LYS A 422 -13.99 16.74 7.18
C LYS A 422 -14.69 17.50 8.31
N LYS A 423 -15.85 17.03 8.70
CA LYS A 423 -16.59 17.64 9.80
C LYS A 423 -15.98 17.29 11.16
N LEU A 424 -14.96 16.45 11.17
CA LEU A 424 -14.32 16.06 12.42
C LEU A 424 -13.30 17.10 12.88
N SER A 425 -13.28 17.32 14.20
CA SER A 425 -12.39 18.31 14.80
C SER A 425 -10.96 17.77 14.91
N PRO A 426 -10.01 18.43 14.22
CA PRO A 426 -8.59 18.03 14.26
C PRO A 426 -7.99 18.26 15.64
N PRO A 427 -7.42 17.21 16.24
CA PRO A 427 -6.83 17.31 17.58
C PRO A 427 -5.58 18.21 17.61
N PHE A 428 -5.00 18.44 16.44
CA PHE A 428 -3.70 19.08 16.32
C PHE A 428 -3.68 19.97 15.09
N LYS A 429 -3.54 21.27 15.30
CA LYS A 429 -3.44 22.22 14.19
C LYS A 429 -1.99 22.54 13.88
N PRO A 430 -1.52 22.14 12.69
CA PRO A 430 -0.15 22.48 12.29
C PRO A 430 0.03 23.99 12.25
N GLN A 431 1.22 24.46 12.59
CA GLN A 431 1.50 25.89 12.55
C GLN A 431 2.01 26.26 11.16
N VAL A 432 1.07 26.46 10.24
CA VAL A 432 1.39 26.76 8.84
C VAL A 432 0.36 27.71 8.22
C4 IQO B . 5.87 -2.94 -3.98
C6 IQO B . 7.43 -4.64 -4.70
C7 IQO B . 8.48 -3.66 -4.77
C8 IQO B . 8.20 -2.30 -4.45
C13 IQO B . 3.89 -1.56 -3.23
C15 IQO B . 2.58 -0.29 -1.49
C17 IQO B . 0.16 2.27 -2.94
C20 IQO B . -1.91 3.32 -4.50
C21 IQO B . -0.69 4.03 -4.32
C22 IQO B . 0.31 3.50 -3.56
C24 IQO B . -3.57 5.21 -4.97
C28 IQO B . -4.75 3.04 -8.32
C1 IQO B . 3.96 -4.10 -3.72
N2 IQO B . 4.95 -4.97 -4.13
C3 IQO B . 6.13 -4.22 -4.29
N5 IQO B . 4.53 -2.82 -3.62
C9 IQO B . 6.88 -1.93 -4.05
O10 IQO B . 2.78 -4.39 -3.47
C11 IQO B . 2.52 0.50 -3.87
C12 IQO B . 3.10 -0.85 -4.33
C14 IQO B . 3.09 -1.66 -1.94
C16 IQO B . 1.29 1.71 -2.08
C18 IQO B . -1.04 1.54 -3.10
C19 IQO B . -2.08 2.08 -3.88
N23 IQO B . -4.55 5.71 -5.77
C25 IQO B . -2.95 3.89 -5.30
N26 IQO B . -3.36 3.20 -6.40
C27 IQO B . -4.32 3.74 -7.17
C29 IQO B . -5.75 3.59 -9.14
C30 IQO B . -6.32 4.77 -8.85
C31 IQO B . -5.92 5.51 -7.71
C32 IQO B . -4.92 4.99 -6.87
C33 IQO B . -7.24 4.09 -10.62
N34 IQO B . -6.36 3.14 -10.30
N35 IQO B . -7.28 5.13 -9.78
C36 IQO B . -3.15 6.02 -3.78
C37 IQO B . -2.82 7.43 -3.95
C38 IQO B . -2.43 8.20 -2.83
C39 IQO B . -2.36 7.61 -1.54
C40 IQO B . -2.69 6.22 -1.36
C41 IQO B . -3.09 5.43 -2.48
N42 IQO B . 1.80 0.40 -2.55
#